data_8STG
#
_entry.id   8STG
#
_cell.length_a   62.510
_cell.length_b   91.340
_cell.length_c   129.620
_cell.angle_alpha   90.000
_cell.angle_beta   90.000
_cell.angle_gamma   90.000
#
_symmetry.space_group_name_H-M   'P 21 21 21'
#
loop_
_entity.id
_entity.type
_entity.pdbx_description
1 polymer 'Fibroblast growth factor receptor 2'
2 non-polymer N-{4-[(5P)-4-amino-5-{3-fluoro-4-[(4-methylpyrimidin-2-yl)oxy]phenyl}-7-methyl-7H-pyrrolo[2,3-d]pyrimidin-6-yl]phenyl}-2-methylpropanamide
#
_entity_poly.entity_id   1
_entity_poly.type   'polypeptide(L)'
_entity_poly.pdbx_seq_one_letter_code
;SHMGSPMLAGVSEYELPEDPKWEFPRDKLTLGKPLGEGCFGQVVMAEAVGIDKDKPKEAVTVAVKMLKDDATEKDLSDLV
SEMEMMKMIGKHKNIINLLGACTQDGPLYVIVEYASKGNLREYLRARRPPGMEYSYDINRVPEEQMTFKDLVSCTYQLAR
GMEYLASQKCIHRDLAARNVLVTENNVMKIADFGLARDINNIDYYKKTTNGRLPVKWMAPEALFDRVYTHQSDVWSFGVL
MWEIFTLGGSPYPGIPVEELFKLLKEGHRMDKPANCTNELYMMMRDCWHAVPSQRPTFKQLVEDLDRILTLTTNEEY
;
_entity_poly.pdbx_strand_id   A,B
#
# COMPACT_ATOMS: atom_id res chain seq x y z
N ALA A 9 -26.92 9.82 -2.90
CA ALA A 9 -26.21 10.75 -2.04
C ALA A 9 -25.81 10.08 -0.72
N GLY A 10 -25.72 10.86 0.36
CA GLY A 10 -25.24 10.37 1.64
C GLY A 10 -26.19 9.40 2.34
N VAL A 11 -27.41 9.84 2.60
CA VAL A 11 -28.42 8.93 3.16
C VAL A 11 -28.74 7.87 2.11
N SER A 12 -29.24 6.73 2.59
CA SER A 12 -29.58 5.60 1.71
C SER A 12 -30.75 6.00 0.82
N GLU A 13 -30.44 6.37 -0.42
CA GLU A 13 -31.43 6.64 -1.45
C GLU A 13 -31.49 5.55 -2.51
N TYR A 14 -30.40 4.79 -2.66
CA TYR A 14 -30.33 3.62 -3.54
C TYR A 14 -29.40 2.57 -2.94
N GLU A 15 -29.24 2.57 -1.61
CA GLU A 15 -28.30 1.75 -0.87
C GLU A 15 -29.05 0.71 -0.04
N LEU A 16 -28.34 -0.36 0.32
CA LEU A 16 -28.94 -1.47 1.05
C LEU A 16 -28.36 -1.57 2.45
N PRO A 17 -28.85 -0.78 3.42
CA PRO A 17 -28.38 -0.92 4.80
C PRO A 17 -29.26 -1.86 5.63
N GLU A 18 -28.70 -2.99 6.06
CA GLU A 18 -29.47 -3.92 6.86
C GLU A 18 -29.80 -3.32 8.23
N ASP A 19 -30.67 -4.01 8.96
CA ASP A 19 -31.09 -3.57 10.28
C ASP A 19 -30.42 -4.42 11.36
N PRO A 20 -29.50 -3.87 12.16
CA PRO A 20 -28.88 -4.69 13.21
C PRO A 20 -29.48 -4.42 14.57
N LYS A 21 -29.06 -5.17 15.59
CA LYS A 21 -29.42 -4.85 16.96
C LYS A 21 -28.46 -3.81 17.57
N TRP A 22 -27.36 -3.49 16.87
CA TRP A 22 -26.40 -2.49 17.35
C TRP A 22 -26.98 -1.08 17.27
N GLU A 23 -27.86 -0.84 16.31
CA GLU A 23 -28.33 0.52 16.05
C GLU A 23 -28.90 1.20 17.29
N PHE A 24 -28.55 2.50 17.44
CA PHE A 24 -28.92 3.36 18.56
C PHE A 24 -29.90 4.44 18.08
N PRO A 25 -30.82 4.86 18.97
CA PRO A 25 -31.83 5.83 18.53
C PRO A 25 -31.24 7.06 17.85
N ARG A 26 -31.58 7.29 16.59
CA ARG A 26 -31.11 8.50 15.92
C ARG A 26 -31.49 9.75 16.73
N ASP A 27 -32.50 9.64 17.60
CA ASP A 27 -33.00 10.77 18.36
C ASP A 27 -32.07 11.16 19.49
N LYS A 28 -31.86 10.24 20.45
CA LYS A 28 -31.08 10.59 21.64
C LYS A 28 -29.67 11.10 21.31
N LEU A 29 -29.15 10.75 20.13
CA LEU A 29 -27.86 11.25 19.72
C LEU A 29 -27.89 12.77 19.57
N THR A 30 -26.76 13.38 19.88
CA THR A 30 -26.61 14.82 19.75
C THR A 30 -25.12 15.12 19.61
N LEU A 31 -24.73 15.62 18.45
CA LEU A 31 -23.31 15.77 18.17
C LEU A 31 -22.74 17.02 18.82
N GLY A 32 -21.41 17.12 18.80
CA GLY A 32 -20.71 18.19 19.48
C GLY A 32 -19.42 18.53 18.79
N LYS A 33 -18.36 18.73 19.57
CA LYS A 33 -17.09 19.19 19.03
C LYS A 33 -16.37 18.05 18.31
N PRO A 34 -15.68 18.34 17.19
CA PRO A 34 -14.87 17.31 16.53
C PRO A 34 -13.48 17.25 17.15
N LEU A 35 -13.01 16.02 17.37
CA LEU A 35 -11.75 15.78 18.06
C LEU A 35 -10.64 15.54 17.05
N GLY A 36 -9.64 16.42 17.05
CA GLY A 36 -8.50 16.27 16.18
C GLY A 36 -8.86 16.20 14.71
N GLU A 37 -7.84 16.17 13.86
CA GLU A 37 -8.04 16.02 12.42
C GLU A 37 -8.11 14.53 12.10
N GLY A 38 -9.13 14.14 11.34
CA GLY A 38 -9.45 12.74 11.15
C GLY A 38 -8.66 12.05 10.06
N CYS A 39 -7.58 11.38 10.43
CA CYS A 39 -6.86 10.54 9.47
C CYS A 39 -7.69 9.33 9.07
N PHE A 40 -8.40 8.72 10.02
CA PHE A 40 -9.28 7.61 9.73
C PHE A 40 -10.68 8.06 9.33
N GLY A 41 -11.01 9.33 9.51
CA GLY A 41 -12.30 9.86 9.14
C GLY A 41 -12.77 10.92 10.12
N GLN A 42 -13.71 11.75 9.67
CA GLN A 42 -14.24 12.83 10.50
C GLN A 42 -14.99 12.24 11.68
N VAL A 43 -14.42 12.39 12.87
CA VAL A 43 -15.03 11.91 14.10
C VAL A 43 -15.45 13.11 14.94
N VAL A 44 -16.54 12.94 15.68
CA VAL A 44 -17.15 14.01 16.45
C VAL A 44 -17.51 13.49 17.83
N MET A 45 -17.27 14.30 18.85
CA MET A 45 -17.75 13.97 20.18
C MET A 45 -19.26 14.17 20.25
N ALA A 46 -20.00 13.09 20.50
CA ALA A 46 -21.43 13.14 20.69
C ALA A 46 -21.77 12.85 22.15
N GLU A 47 -22.97 13.26 22.54
CA GLU A 47 -23.48 13.07 23.89
C GLU A 47 -24.72 12.20 23.78
N ALA A 48 -24.50 10.88 23.68
CA ALA A 48 -25.58 9.93 23.50
C ALA A 48 -26.27 9.68 24.83
N VAL A 49 -27.45 9.07 24.79
CA VAL A 49 -28.20 8.76 26.00
C VAL A 49 -28.75 7.35 25.85
N GLY A 50 -28.70 6.58 26.94
CA GLY A 50 -29.29 5.26 26.93
C GLY A 50 -28.70 4.31 25.91
N ILE A 51 -27.39 4.32 25.75
CA ILE A 51 -26.71 3.32 24.93
C ILE A 51 -26.00 2.29 25.77
N ASP A 52 -25.66 2.60 27.02
CA ASP A 52 -25.08 1.60 27.90
C ASP A 52 -26.02 0.42 28.10
N LYS A 53 -27.33 0.63 27.98
CA LYS A 53 -28.37 -0.37 28.13
C LYS A 53 -28.63 -0.61 29.60
N ASP A 54 -27.75 -0.15 30.51
CA ASP A 54 -27.97 -0.22 31.95
C ASP A 54 -28.07 1.14 32.62
N LYS A 55 -27.70 2.23 31.96
CA LYS A 55 -27.74 3.56 32.56
C LYS A 55 -28.49 4.53 31.65
N PRO A 56 -29.80 4.35 31.49
CA PRO A 56 -30.58 5.35 30.73
C PRO A 56 -30.73 6.66 31.50
N LYS A 57 -31.46 7.61 30.91
CA LYS A 57 -31.84 8.85 31.56
C LYS A 57 -30.64 9.75 31.89
N GLU A 58 -29.44 9.26 31.65
CA GLU A 58 -28.22 10.04 31.88
C GLU A 58 -27.37 10.00 30.62
N ALA A 59 -26.80 11.16 30.28
CA ALA A 59 -25.99 11.27 29.07
C ALA A 59 -24.64 10.58 29.27
N VAL A 60 -24.12 10.04 28.17
CA VAL A 60 -22.82 9.40 28.10
C VAL A 60 -22.09 9.96 26.88
N THR A 61 -20.83 10.32 27.08
CA THR A 61 -20.04 10.91 26.01
C THR A 61 -19.43 9.81 25.15
N VAL A 62 -19.66 9.88 23.83
CA VAL A 62 -19.17 8.90 22.88
C VAL A 62 -18.57 9.66 21.69
N ALA A 63 -18.05 8.90 20.73
CA ALA A 63 -17.49 9.44 19.50
C ALA A 63 -18.17 8.80 18.30
N VAL A 64 -18.56 9.60 17.31
CA VAL A 64 -19.30 9.14 16.15
C VAL A 64 -18.55 9.56 14.90
N LYS A 65 -18.49 8.67 13.91
CA LYS A 65 -17.73 8.88 12.68
C LYS A 65 -18.72 9.12 11.54
N MET A 66 -19.00 10.38 11.25
CA MET A 66 -19.86 10.73 10.14
C MET A 66 -19.04 10.82 8.85
N LEU A 67 -19.73 11.09 7.75
CA LEU A 67 -19.09 11.22 6.44
C LEU A 67 -18.63 12.65 6.20
N LYS A 68 -17.60 12.79 5.37
CA LYS A 68 -17.04 14.09 5.03
C LYS A 68 -17.89 14.80 3.99
N ASP A 69 -17.72 16.12 3.91
CA ASP A 69 -18.54 16.92 3.00
C ASP A 69 -18.40 16.47 1.56
N ASP A 70 -17.18 16.16 1.12
CA ASP A 70 -16.94 15.65 -0.23
C ASP A 70 -16.94 14.13 -0.27
N ALA A 71 -17.83 13.51 0.49
CA ALA A 71 -17.91 12.05 0.53
C ALA A 71 -18.34 11.50 -0.82
N THR A 72 -17.78 10.37 -1.20
CA THR A 72 -18.08 9.67 -2.45
C THR A 72 -18.72 8.32 -2.10
N GLU A 73 -19.35 7.69 -3.10
CA GLU A 73 -20.01 6.41 -2.86
C GLU A 73 -19.06 5.40 -2.21
N LYS A 74 -17.78 5.43 -2.61
CA LYS A 74 -16.82 4.50 -2.03
C LYS A 74 -16.56 4.85 -0.57
N ASP A 75 -16.58 6.14 -0.20
CA ASP A 75 -16.37 6.49 1.21
C ASP A 75 -17.44 5.88 2.10
N LEU A 76 -18.70 5.95 1.66
CA LEU A 76 -19.78 5.36 2.45
C LEU A 76 -19.65 3.84 2.49
N SER A 77 -19.33 3.21 1.35
CA SER A 77 -19.16 1.75 1.36
C SER A 77 -18.02 1.33 2.28
N ASP A 78 -16.93 2.09 2.28
CA ASP A 78 -15.81 1.81 3.18
C ASP A 78 -16.23 1.97 4.63
N LEU A 79 -17.04 3.00 4.91
CA LEU A 79 -17.50 3.21 6.28
C LEU A 79 -18.34 2.04 6.77
N VAL A 80 -19.25 1.55 5.92
CA VAL A 80 -20.08 0.43 6.34
C VAL A 80 -19.24 -0.84 6.49
N SER A 81 -18.28 -1.05 5.59
CA SER A 81 -17.39 -2.21 5.73
C SER A 81 -16.61 -2.12 7.03
N GLU A 82 -16.13 -0.92 7.38
CA GLU A 82 -15.41 -0.74 8.63
C GLU A 82 -16.34 -1.00 9.83
N MET A 83 -17.59 -0.58 9.72
CA MET A 83 -18.56 -0.84 10.79
C MET A 83 -18.73 -2.33 10.99
N GLU A 84 -18.91 -3.07 9.89
CA GLU A 84 -19.05 -4.52 9.99
C GLU A 84 -17.80 -5.16 10.58
N MET A 85 -16.63 -4.66 10.18
CA MET A 85 -15.39 -5.11 10.79
C MET A 85 -15.43 -4.94 12.30
N MET A 86 -15.73 -3.74 12.76
CA MET A 86 -15.81 -3.50 14.20
C MET A 86 -16.79 -4.47 14.86
N LYS A 87 -17.93 -4.69 14.21
CA LYS A 87 -18.92 -5.61 14.77
C LYS A 87 -18.34 -7.01 14.91
N MET A 88 -17.53 -7.45 13.95
CA MET A 88 -16.96 -8.79 14.01
C MET A 88 -15.82 -8.89 15.03
N ILE A 89 -15.10 -7.79 15.25
CA ILE A 89 -13.82 -7.86 15.94
C ILE A 89 -13.98 -8.41 17.35
N GLY A 90 -15.05 -8.04 18.03
CA GLY A 90 -15.26 -8.45 19.40
C GLY A 90 -14.84 -7.39 20.39
N LYS A 91 -14.85 -7.79 21.67
CA LYS A 91 -14.68 -6.86 22.77
C LYS A 91 -13.38 -7.17 23.50
N HIS A 92 -12.60 -6.12 23.77
CA HIS A 92 -11.38 -6.22 24.55
C HIS A 92 -11.23 -4.95 25.38
N LYS A 93 -10.49 -5.08 26.49
CA LYS A 93 -10.38 -3.98 27.43
C LYS A 93 -9.72 -2.75 26.79
N ASN A 94 -8.56 -2.95 26.17
CA ASN A 94 -7.76 -1.83 25.68
C ASN A 94 -7.94 -1.62 24.18
N ILE A 95 -9.19 -1.44 23.75
CA ILE A 95 -9.45 -1.13 22.35
C ILE A 95 -10.65 -0.21 22.25
N ILE A 96 -10.62 0.66 21.24
CA ILE A 96 -11.78 1.48 20.92
C ILE A 96 -12.87 0.55 20.41
N ASN A 97 -13.84 0.25 21.26
CA ASN A 97 -14.89 -0.72 20.96
C ASN A 97 -16.13 -0.01 20.42
N LEU A 98 -16.83 -0.66 19.50
CA LEU A 98 -18.09 -0.15 19.02
C LEU A 98 -19.09 -0.18 20.17
N LEU A 99 -19.96 0.83 20.23
CA LEU A 99 -20.96 0.99 21.31
C LEU A 99 -22.36 1.15 20.75
N GLY A 100 -22.50 1.44 19.46
CA GLY A 100 -23.81 1.66 18.89
C GLY A 100 -23.65 1.99 17.43
N ALA A 101 -24.70 2.50 16.82
CA ALA A 101 -24.70 2.81 15.38
C ALA A 101 -25.96 3.59 15.02
N CYS A 102 -26.02 4.00 13.76
CA CYS A 102 -27.18 4.67 13.19
C CYS A 102 -27.27 4.27 11.71
N THR A 103 -27.92 3.14 11.46
CA THR A 103 -27.90 2.58 10.11
C THR A 103 -29.14 2.92 9.29
N GLN A 104 -30.29 2.43 9.71
CA GLN A 104 -31.50 2.61 8.92
C GLN A 104 -32.15 3.95 9.22
N ASP A 105 -32.70 4.58 8.16
CA ASP A 105 -33.48 5.81 8.27
C ASP A 105 -32.61 6.96 8.79
N GLY A 106 -31.64 7.34 7.97
CA GLY A 106 -30.82 8.49 8.24
C GLY A 106 -29.36 8.32 7.85
N PRO A 107 -28.56 9.36 8.05
CA PRO A 107 -27.12 9.25 7.76
C PRO A 107 -26.43 8.28 8.70
N LEU A 108 -25.32 7.72 8.22
CA LEU A 108 -24.61 6.69 8.96
C LEU A 108 -23.70 7.33 10.01
N TYR A 109 -23.90 6.93 11.27
CA TYR A 109 -23.03 7.30 12.37
C TYR A 109 -22.56 6.02 13.04
N VAL A 110 -21.29 5.99 13.43
CA VAL A 110 -20.68 4.82 14.06
C VAL A 110 -20.24 5.23 15.45
N ILE A 111 -20.87 4.66 16.47
CA ILE A 111 -20.63 5.05 17.85
C ILE A 111 -19.48 4.22 18.40
N VAL A 112 -18.41 4.87 18.83
CA VAL A 112 -17.27 4.22 19.46
C VAL A 112 -17.03 4.89 20.80
N GLU A 113 -16.31 4.18 21.68
CA GLU A 113 -16.07 4.67 23.02
C GLU A 113 -15.40 6.04 22.98
N TYR A 114 -15.57 6.80 24.06
CA TYR A 114 -14.95 8.11 24.19
C TYR A 114 -13.83 8.06 25.25
N ALA A 115 -12.74 8.76 24.99
CA ALA A 115 -11.61 8.84 25.91
C ALA A 115 -11.51 10.27 26.45
N SER A 116 -11.66 10.40 27.77
CA SER A 116 -11.58 11.73 28.38
C SER A 116 -10.19 12.33 28.20
N LYS A 117 -9.16 11.53 28.48
CA LYS A 117 -7.79 11.98 28.31
C LYS A 117 -7.40 11.94 26.83
N GLY A 118 -6.74 13.00 26.37
CA GLY A 118 -6.38 13.10 24.97
C GLY A 118 -5.44 12.01 24.48
N ASN A 119 -4.76 12.27 23.36
CA ASN A 119 -3.84 11.30 22.79
C ASN A 119 -2.77 10.96 23.82
N LEU A 120 -2.12 9.80 23.62
CA LEU A 120 -1.04 9.42 24.52
C LEU A 120 0.12 10.39 24.42
N ARG A 121 0.52 10.78 23.21
CA ARG A 121 1.65 11.71 23.09
C ARG A 121 1.41 12.97 23.91
N GLU A 122 0.24 13.60 23.74
CA GLU A 122 -0.08 14.80 24.50
C GLU A 122 -0.23 14.49 25.99
N TYR A 123 -0.82 13.33 26.32
CA TYR A 123 -1.04 12.98 27.72
C TYR A 123 0.28 12.78 28.46
N LEU A 124 1.24 12.09 27.84
CA LEU A 124 2.54 11.89 28.46
C LEU A 124 3.35 13.18 28.48
N ARG A 125 3.31 13.98 27.41
CA ARG A 125 4.00 15.26 27.43
C ARG A 125 3.46 16.14 28.55
N ALA A 126 2.16 16.04 28.84
CA ALA A 126 1.55 16.81 29.93
C ALA A 126 1.72 16.15 31.29
N ARG A 127 2.11 14.88 31.33
CA ARG A 127 2.39 14.18 32.59
C ARG A 127 3.90 14.08 32.82
N ARG A 128 4.66 15.09 32.41
CA ARG A 128 6.10 15.03 32.55
C ARG A 128 6.51 15.57 33.91
N PRO A 129 7.49 14.97 34.59
CA PRO A 129 8.00 15.55 35.84
C PRO A 129 8.79 16.82 35.57
N PRO A 130 8.94 17.70 36.56
CA PRO A 130 9.65 18.97 36.36
C PRO A 130 11.10 18.79 35.95
N VAL A 141 2.22 22.95 29.21
CA VAL A 141 2.10 21.55 29.54
C VAL A 141 1.93 21.38 31.06
N PRO A 142 0.74 20.92 31.51
CA PRO A 142 0.53 20.72 32.95
C PRO A 142 1.41 19.63 33.50
N GLU A 143 1.32 19.31 34.80
CA GLU A 143 2.28 18.37 35.39
C GLU A 143 1.61 17.60 36.54
N GLU A 144 0.79 16.63 36.16
CA GLU A 144 0.34 15.60 37.10
C GLU A 144 1.45 14.56 37.26
N GLN A 145 1.95 14.38 38.48
CA GLN A 145 3.12 13.55 38.68
C GLN A 145 2.95 12.20 37.98
N MET A 146 3.99 11.79 37.26
CA MET A 146 4.02 10.52 36.55
C MET A 146 5.19 9.68 37.05
N THR A 147 5.01 8.36 37.03
CA THR A 147 6.01 7.45 37.58
C THR A 147 6.20 6.26 36.66
N PHE A 148 7.39 5.65 36.77
CA PHE A 148 7.74 4.49 35.95
C PHE A 148 6.77 3.34 36.17
N LYS A 149 6.26 3.17 37.39
CA LYS A 149 5.28 2.13 37.65
C LYS A 149 4.04 2.29 36.76
N ASP A 150 3.52 3.50 36.67
CA ASP A 150 2.40 3.76 35.76
C ASP A 150 2.81 3.49 34.31
N LEU A 151 4.06 3.81 33.96
CA LEU A 151 4.52 3.59 32.59
C LEU A 151 4.49 2.11 32.23
N VAL A 152 5.05 1.27 33.09
CA VAL A 152 5.09 -0.15 32.82
C VAL A 152 3.67 -0.70 32.71
N SER A 153 2.78 -0.24 33.58
CA SER A 153 1.39 -0.71 33.44
C SER A 153 0.83 -0.32 32.09
N CYS A 154 1.11 0.91 31.64
CA CYS A 154 0.65 1.36 30.34
C CYS A 154 1.16 0.46 29.22
N THR A 155 2.46 0.16 29.23
CA THR A 155 3.03 -0.65 28.17
C THR A 155 2.42 -2.05 28.16
N TYR A 156 2.25 -2.65 29.34
CA TYR A 156 1.65 -3.99 29.38
C TYR A 156 0.22 -3.97 28.85
N GLN A 157 -0.58 -2.98 29.26
CA GLN A 157 -1.94 -2.89 28.77
C GLN A 157 -1.96 -2.77 27.25
N LEU A 158 -1.10 -1.91 26.70
CA LEU A 158 -1.04 -1.72 25.26
C LEU A 158 -0.66 -3.00 24.56
N ALA A 159 0.31 -3.73 25.12
CA ALA A 159 0.75 -4.98 24.49
C ALA A 159 -0.35 -6.03 24.50
N ARG A 160 -1.10 -6.13 25.60
CA ARG A 160 -2.21 -7.07 25.63
C ARG A 160 -3.26 -6.69 24.58
N GLY A 161 -3.58 -5.41 24.49
CA GLY A 161 -4.50 -4.96 23.47
C GLY A 161 -4.02 -5.29 22.07
N MET A 162 -2.72 -5.09 21.81
CA MET A 162 -2.16 -5.39 20.50
C MET A 162 -2.18 -6.89 20.22
N GLU A 163 -1.95 -7.69 21.26
CA GLU A 163 -2.08 -9.14 21.11
C GLU A 163 -3.47 -9.50 20.62
N TYR A 164 -4.49 -8.97 21.28
CA TYR A 164 -5.86 -9.25 20.84
C TYR A 164 -6.11 -8.72 19.43
N LEU A 165 -5.59 -7.54 19.12
CA LEU A 165 -5.82 -6.95 17.81
C LEU A 165 -5.20 -7.78 16.71
N ALA A 166 -3.98 -8.29 16.95
CA ALA A 166 -3.36 -9.21 16.01
C ALA A 166 -4.12 -10.52 15.94
N SER A 167 -4.80 -10.90 17.02
CA SER A 167 -5.58 -12.14 17.00
C SER A 167 -6.58 -12.16 15.85
N GLN A 168 -7.29 -11.06 15.65
CA GLN A 168 -8.24 -10.95 14.54
C GLN A 168 -7.56 -10.61 13.22
N LYS A 169 -6.23 -10.76 13.17
CA LYS A 169 -5.45 -10.52 11.96
C LYS A 169 -5.83 -9.18 11.32
N CYS A 170 -5.83 -8.14 12.13
CA CYS A 170 -6.04 -6.77 11.66
C CYS A 170 -4.70 -6.05 11.57
N ILE A 171 -4.66 -5.02 10.74
CA ILE A 171 -3.45 -4.24 10.50
C ILE A 171 -3.70 -2.79 10.91
N HIS A 172 -2.69 -2.16 11.49
CA HIS A 172 -2.78 -0.83 12.06
C HIS A 172 -2.15 0.17 11.10
N ARG A 173 -2.96 1.10 10.60
CA ARG A 173 -2.50 2.05 9.60
C ARG A 173 -1.34 2.90 10.13
N ASP A 174 -1.55 3.58 11.26
CA ASP A 174 -0.56 4.44 11.89
C ASP A 174 -0.51 4.10 13.37
N LEU A 175 0.37 3.18 13.76
CA LEU A 175 0.50 2.76 15.16
C LEU A 175 1.50 3.68 15.85
N ALA A 176 1.01 4.59 16.69
CA ALA A 176 1.87 5.52 17.41
C ALA A 176 1.09 6.07 18.61
N ALA A 177 1.84 6.66 19.55
CA ALA A 177 1.22 7.26 20.73
C ALA A 177 0.26 8.38 20.33
N ARG A 178 0.44 8.97 19.15
CA ARG A 178 -0.47 9.98 18.61
C ARG A 178 -1.80 9.39 18.19
N ASN A 179 -1.97 8.07 18.24
CA ASN A 179 -3.23 7.43 17.90
C ASN A 179 -3.66 6.43 18.97
N VAL A 180 -3.23 6.63 20.20
CA VAL A 180 -3.67 5.80 21.32
C VAL A 180 -4.32 6.70 22.36
N LEU A 181 -5.36 6.18 23.02
CA LEU A 181 -6.26 7.01 23.80
C LEU A 181 -6.34 6.52 25.25
N VAL A 182 -6.84 7.39 26.10
CA VAL A 182 -6.97 7.12 27.54
C VAL A 182 -8.27 7.72 28.02
N THR A 183 -9.09 6.91 28.69
CA THR A 183 -10.34 7.36 29.27
C THR A 183 -10.09 7.97 30.65
N GLU A 184 -11.16 8.51 31.24
CA GLU A 184 -11.07 9.05 32.60
C GLU A 184 -10.55 8.01 33.58
N ASN A 185 -10.73 6.72 33.28
CA ASN A 185 -10.29 5.63 34.16
C ASN A 185 -8.80 5.33 34.02
N ASN A 186 -8.06 6.09 33.22
CA ASN A 186 -6.64 5.86 33.01
C ASN A 186 -6.38 4.43 32.54
N VAL A 187 -7.10 4.02 31.50
CA VAL A 187 -6.93 2.71 30.88
C VAL A 187 -6.58 2.92 29.42
N MET A 188 -5.57 2.19 28.94
CA MET A 188 -5.12 2.35 27.57
C MET A 188 -6.11 1.77 26.58
N LYS A 189 -6.21 2.40 25.41
CA LYS A 189 -7.02 1.86 24.32
C LYS A 189 -6.40 2.18 22.99
N ILE A 190 -6.37 1.16 22.12
CA ILE A 190 -5.89 1.32 20.76
C ILE A 190 -7.00 1.94 19.90
N ALA A 191 -6.57 2.57 18.82
CA ALA A 191 -7.45 3.16 17.82
C ALA A 191 -6.63 2.89 16.59
N ASP A 192 -7.23 2.86 15.40
CA ASP A 192 -6.63 2.75 14.02
C ASP A 192 -6.52 1.25 13.59
N PHE A 193 -7.02 0.30 14.40
CA PHE A 193 -6.82 -1.13 14.08
C PHE A 193 -7.55 -1.59 12.82
N GLY A 194 -8.32 -0.71 12.19
CA GLY A 194 -8.97 -1.03 10.94
C GLY A 194 -8.65 -0.02 9.86
N ARG A 212 1.73 12.33 5.85
CA ARG A 212 0.58 11.58 5.32
C ARG A 212 0.82 10.09 5.57
N LEU A 213 2.07 9.75 5.89
CA LEU A 213 2.48 8.42 6.33
C LEU A 213 3.42 8.55 7.52
N PRO A 214 3.36 7.59 8.47
CA PRO A 214 4.34 7.61 9.59
C PRO A 214 5.60 6.78 9.32
N VAL A 215 6.55 7.37 8.59
CA VAL A 215 7.71 6.63 8.14
C VAL A 215 8.51 6.09 9.32
N LYS A 216 8.63 6.88 10.39
CA LYS A 216 9.46 6.48 11.52
C LYS A 216 8.89 5.28 12.26
N TRP A 217 7.59 5.04 12.17
CA TRP A 217 6.94 3.93 12.86
C TRP A 217 6.85 2.67 12.01
N MET A 218 7.50 2.65 10.84
CA MET A 218 7.42 1.56 9.89
C MET A 218 8.72 0.77 9.91
N ALA A 219 8.60 -0.56 9.81
CA ALA A 219 9.75 -1.43 9.79
C ALA A 219 10.50 -1.33 8.45
N PRO A 220 11.77 -1.72 8.41
CA PRO A 220 12.48 -1.72 7.12
C PRO A 220 11.77 -2.53 6.05
N GLU A 221 11.28 -3.73 6.42
CA GLU A 221 10.57 -4.56 5.45
C GLU A 221 9.34 -3.84 4.92
N ALA A 222 8.58 -3.20 5.80
CA ALA A 222 7.38 -2.48 5.38
C ALA A 222 7.71 -1.15 4.72
N LEU A 223 8.81 -0.51 5.12
CA LEU A 223 9.20 0.76 4.55
C LEU A 223 9.76 0.62 3.14
N PHE A 224 10.24 -0.57 2.79
CA PHE A 224 10.94 -0.84 1.55
C PHE A 224 10.16 -1.73 0.58
N ASP A 225 9.50 -2.77 1.08
CA ASP A 225 8.60 -3.57 0.27
C ASP A 225 7.16 -3.07 0.30
N ARG A 226 6.83 -2.16 1.23
CA ARG A 226 5.47 -1.63 1.37
C ARG A 226 4.45 -2.76 1.54
N VAL A 227 4.79 -3.70 2.42
CA VAL A 227 3.90 -4.80 2.79
C VAL A 227 3.85 -4.85 4.31
N TYR A 228 2.64 -4.89 4.86
CA TYR A 228 2.46 -4.93 6.30
C TYR A 228 2.36 -6.37 6.77
N THR A 229 2.99 -6.66 7.91
CA THR A 229 2.98 -7.99 8.48
C THR A 229 3.11 -7.86 10.00
N HIS A 230 2.75 -8.93 10.70
CA HIS A 230 2.83 -8.91 12.16
C HIS A 230 4.20 -8.49 12.64
N GLN A 231 5.26 -8.89 11.94
CA GLN A 231 6.60 -8.45 12.33
C GLN A 231 6.75 -6.95 12.18
N SER A 232 6.15 -6.39 11.12
CA SER A 232 6.11 -4.94 10.99
C SER A 232 5.30 -4.32 12.12
N ASP A 233 4.25 -5.00 12.57
CA ASP A 233 3.49 -4.52 13.71
C ASP A 233 4.32 -4.57 14.98
N VAL A 234 5.19 -5.56 15.12
CA VAL A 234 6.08 -5.63 16.27
C VAL A 234 7.06 -4.46 16.23
N TRP A 235 7.61 -4.16 15.07
CA TRP A 235 8.48 -2.99 14.95
C TRP A 235 7.72 -1.71 15.29
N SER A 236 6.51 -1.56 14.75
CA SER A 236 5.72 -0.37 15.05
C SER A 236 5.42 -0.26 16.54
N PHE A 237 5.13 -1.40 17.17
CA PHE A 237 4.88 -1.41 18.60
C PHE A 237 6.13 -1.03 19.38
N GLY A 238 7.30 -1.47 18.92
CA GLY A 238 8.54 -1.10 19.59
C GLY A 238 8.82 0.40 19.48
N VAL A 239 8.57 0.95 18.29
CA VAL A 239 8.70 2.40 18.11
C VAL A 239 7.73 3.12 19.05
N LEU A 240 6.52 2.59 19.17
CA LEU A 240 5.56 3.17 20.11
C LEU A 240 6.09 3.13 21.53
N MET A 241 6.68 2.00 21.92
CA MET A 241 7.24 1.90 23.28
C MET A 241 8.30 2.96 23.50
N TRP A 242 9.18 3.18 22.53
CA TRP A 242 10.14 4.27 22.66
C TRP A 242 9.43 5.61 22.86
N GLU A 243 8.39 5.87 22.08
CA GLU A 243 7.64 7.12 22.24
C GLU A 243 7.05 7.24 23.63
N ILE A 244 6.64 6.12 24.21
CA ILE A 244 6.08 6.14 25.55
C ILE A 244 7.18 6.42 26.58
N PHE A 245 8.32 5.74 26.44
CA PHE A 245 9.37 5.83 27.44
C PHE A 245 9.98 7.23 27.51
N THR A 246 9.90 8.00 26.43
CA THR A 246 10.40 9.37 26.41
C THR A 246 9.31 10.39 26.70
N LEU A 247 8.07 9.93 26.91
CA LEU A 247 6.95 10.81 27.24
C LEU A 247 6.65 11.78 26.11
N GLY A 248 6.53 11.23 24.90
CA GLY A 248 6.09 12.01 23.76
C GLY A 248 7.20 12.64 22.95
N GLY A 249 8.22 11.85 22.62
CA GLY A 249 9.31 12.31 21.78
C GLY A 249 9.15 11.84 20.35
N SER A 250 9.75 12.58 19.43
CA SER A 250 9.71 12.22 18.02
C SER A 250 10.79 11.19 17.73
N PRO A 251 10.45 10.00 17.24
CA PRO A 251 11.48 9.00 16.96
C PRO A 251 12.43 9.47 15.86
N TYR A 252 13.67 9.00 15.95
CA TYR A 252 14.72 9.37 15.02
C TYR A 252 14.81 10.88 14.86
N PRO A 253 15.09 11.61 15.94
CA PRO A 253 15.13 13.07 15.86
C PRO A 253 16.35 13.54 15.10
N GLY A 254 16.15 14.55 14.26
CA GLY A 254 17.22 15.10 13.46
C GLY A 254 17.65 14.24 12.29
N ILE A 255 16.93 13.17 12.01
CA ILE A 255 17.25 12.26 10.91
C ILE A 255 16.26 12.52 9.79
N PRO A 256 16.71 12.98 8.61
CA PRO A 256 15.76 13.22 7.52
C PRO A 256 15.21 11.90 6.99
N VAL A 257 13.97 11.98 6.50
CA VAL A 257 13.27 10.77 6.08
C VAL A 257 13.99 10.11 4.91
N GLU A 258 14.65 10.89 4.05
CA GLU A 258 15.24 10.32 2.85
C GLU A 258 16.31 9.29 3.21
N GLU A 259 17.12 9.58 4.21
CA GLU A 259 18.17 8.67 4.63
C GLU A 259 17.77 7.82 5.83
N LEU A 260 16.54 7.95 6.31
CA LEU A 260 16.12 7.14 7.46
C LEU A 260 16.25 5.65 7.16
N PHE A 261 15.69 5.21 6.03
CA PHE A 261 15.82 3.81 5.66
C PHE A 261 17.29 3.40 5.55
N LYS A 262 18.11 4.25 4.91
CA LYS A 262 19.51 3.90 4.72
C LYS A 262 20.23 3.75 6.06
N LEU A 263 19.95 4.64 7.01
CA LEU A 263 20.53 4.53 8.34
C LEU A 263 20.05 3.25 9.02
N LEU A 264 18.76 2.92 8.88
CA LEU A 264 18.21 1.71 9.46
C LEU A 264 18.87 0.47 8.88
N LYS A 265 19.14 0.50 7.56
CA LYS A 265 19.76 -0.64 6.89
C LYS A 265 21.13 -0.94 7.46
N GLU A 266 21.87 0.11 7.85
CA GLU A 266 23.20 -0.06 8.42
C GLU A 266 23.16 -0.42 9.90
N GLY A 267 21.99 -0.75 10.44
CA GLY A 267 21.89 -1.17 11.81
C GLY A 267 21.89 -0.03 12.81
N HIS A 268 21.31 1.10 12.44
CA HIS A 268 21.19 2.23 13.36
C HIS A 268 19.83 2.15 14.04
N ARG A 269 19.81 1.70 15.29
CA ARG A 269 18.60 1.69 16.09
C ARG A 269 18.66 2.83 17.11
N MET A 270 17.49 3.21 17.59
CA MET A 270 17.40 4.35 18.49
C MET A 270 18.12 4.05 19.80
N ASP A 271 18.53 5.12 20.48
CA ASP A 271 19.23 5.00 21.74
C ASP A 271 18.25 4.67 22.86
N LYS A 272 18.77 4.48 24.07
CA LYS A 272 17.93 4.17 25.22
C LYS A 272 17.28 5.44 25.76
N PRO A 273 15.99 5.44 26.08
CA PRO A 273 15.38 6.62 26.69
C PRO A 273 16.04 6.95 28.01
N ALA A 274 15.96 8.23 28.39
CA ALA A 274 16.66 8.70 29.58
C ALA A 274 16.20 7.93 30.81
N ASN A 275 14.93 8.04 31.15
CA ASN A 275 14.38 7.35 32.33
C ASN A 275 13.86 5.98 31.91
N CYS A 276 14.79 5.12 31.53
CA CYS A 276 14.48 3.79 31.03
C CYS A 276 15.41 2.78 31.68
N THR A 277 14.99 1.52 31.65
CA THR A 277 15.81 0.40 32.14
C THR A 277 16.38 -0.35 30.94
N ASN A 278 17.55 -0.95 31.15
CA ASN A 278 18.22 -1.64 30.05
C ASN A 278 17.42 -2.85 29.57
N GLU A 279 16.78 -3.58 30.49
CA GLU A 279 16.01 -4.76 30.07
C GLU A 279 14.88 -4.39 29.11
N LEU A 280 14.10 -3.35 29.45
CA LEU A 280 13.06 -2.91 28.56
C LEU A 280 13.65 -2.43 27.24
N TYR A 281 14.77 -1.72 27.27
CA TYR A 281 15.39 -1.27 26.03
C TYR A 281 15.80 -2.43 25.13
N MET A 282 16.30 -3.49 25.75
CA MET A 282 16.68 -4.67 24.98
C MET A 282 15.46 -5.31 24.35
N MET A 283 14.34 -5.34 25.08
CA MET A 283 13.10 -5.78 24.44
C MET A 283 12.74 -4.88 23.24
N MET A 284 12.93 -3.57 23.39
CA MET A 284 12.66 -2.64 22.29
C MET A 284 13.55 -2.96 21.08
N ARG A 285 14.85 -3.14 21.33
CA ARG A 285 15.77 -3.44 20.24
C ARG A 285 15.42 -4.76 19.58
N ASP A 286 15.02 -5.76 20.38
CA ASP A 286 14.57 -7.03 19.81
C ASP A 286 13.36 -6.82 18.92
N CYS A 287 12.41 -5.99 19.36
CA CYS A 287 11.31 -5.58 18.50
C CYS A 287 11.81 -4.88 17.25
N TRP A 288 13.02 -4.33 17.30
CA TRP A 288 13.64 -3.64 16.17
C TRP A 288 14.64 -4.52 15.44
N HIS A 289 14.58 -5.84 15.64
CA HIS A 289 15.50 -6.73 14.96
C HIS A 289 15.31 -6.63 13.45
N ALA A 290 16.42 -6.54 12.72
CA ALA A 290 16.34 -6.42 11.27
C ALA A 290 15.60 -7.60 10.66
N VAL A 291 15.90 -8.80 11.12
CA VAL A 291 15.20 -10.00 10.63
C VAL A 291 13.84 -10.07 11.30
N PRO A 292 12.77 -10.37 10.55
CA PRO A 292 11.44 -10.42 11.18
C PRO A 292 11.20 -11.72 11.93
N SER A 293 11.81 -12.80 11.44
CA SER A 293 11.57 -14.11 12.02
C SER A 293 11.95 -14.14 13.50
N GLN A 294 13.11 -13.59 13.85
CA GLN A 294 13.59 -13.67 15.22
C GLN A 294 12.89 -12.67 16.14
N ARG A 295 12.20 -11.68 15.59
CA ARG A 295 11.56 -10.64 16.38
C ARG A 295 10.63 -11.26 17.41
N PRO A 296 10.44 -10.62 18.56
CA PRO A 296 9.62 -11.22 19.63
C PRO A 296 8.15 -11.27 19.22
N THR A 297 7.53 -12.44 19.42
CA THR A 297 6.12 -12.57 19.12
C THR A 297 5.30 -11.73 20.09
N PHE A 298 4.12 -11.31 19.64
CA PHE A 298 3.27 -10.45 20.47
C PHE A 298 2.96 -11.10 21.81
N LYS A 299 2.72 -12.42 21.80
CA LYS A 299 2.49 -13.12 23.05
C LYS A 299 3.75 -13.13 23.91
N GLN A 300 4.92 -13.31 23.29
CA GLN A 300 6.16 -13.27 24.06
C GLN A 300 6.32 -11.92 24.77
N LEU A 301 5.99 -10.84 24.07
CA LEU A 301 6.07 -9.53 24.68
C LEU A 301 5.09 -9.40 25.83
N VAL A 302 3.86 -9.91 25.67
CA VAL A 302 2.89 -9.85 26.77
C VAL A 302 3.41 -10.62 27.98
N GLU A 303 3.94 -11.83 27.75
CA GLU A 303 4.50 -12.61 28.85
C GLU A 303 5.61 -11.83 29.56
N ASP A 304 6.56 -11.30 28.79
CA ASP A 304 7.67 -10.56 29.40
C ASP A 304 7.16 -9.37 30.20
N LEU A 305 6.21 -8.61 29.66
CA LEU A 305 5.71 -7.44 30.36
C LEU A 305 4.99 -7.84 31.64
N ASP A 306 4.22 -8.93 31.62
CA ASP A 306 3.62 -9.42 32.86
C ASP A 306 4.71 -9.78 33.86
N ARG A 307 5.79 -10.39 33.38
CA ARG A 307 6.90 -10.74 34.25
C ARG A 307 7.44 -9.51 34.95
N ILE A 308 7.67 -8.43 34.19
CA ILE A 308 8.18 -7.21 34.81
C ILE A 308 7.16 -6.63 35.79
N LEU A 309 5.89 -6.58 35.39
CA LEU A 309 4.86 -6.00 36.23
C LEU A 309 4.80 -6.67 37.58
N THR A 310 5.07 -7.98 37.63
CA THR A 310 5.05 -8.63 38.94
C THR A 310 6.12 -8.09 39.89
N LEU A 311 7.15 -7.41 39.37
CA LEU A 311 8.24 -6.87 40.17
C LEU A 311 8.14 -5.35 40.33
N THR A 312 6.93 -4.83 40.48
CA THR A 312 6.74 -3.40 40.62
C THR A 312 7.40 -2.87 41.88
N PRO B 20 -13.60 -9.12 -41.23
CA PRO B 20 -12.32 -9.14 -40.50
C PRO B 20 -11.61 -10.50 -40.55
N LYS B 21 -10.35 -10.52 -40.12
CA LYS B 21 -9.50 -11.71 -40.18
C LYS B 21 -9.32 -12.38 -38.83
N TRP B 22 -9.02 -11.60 -37.79
CA TRP B 22 -8.65 -12.16 -36.49
C TRP B 22 -9.84 -12.69 -35.69
N GLU B 23 -11.06 -12.51 -36.18
CA GLU B 23 -12.25 -12.89 -35.41
C GLU B 23 -12.15 -14.34 -34.94
N PHE B 24 -12.53 -14.57 -33.68
CA PHE B 24 -12.51 -15.86 -33.04
C PHE B 24 -13.90 -16.25 -32.56
N PRO B 25 -14.32 -17.51 -32.74
CA PRO B 25 -15.64 -17.94 -32.24
C PRO B 25 -15.72 -17.85 -30.72
N ARG B 26 -16.83 -17.33 -30.23
CA ARG B 26 -17.04 -17.23 -28.79
C ARG B 26 -17.22 -18.60 -28.14
N ASP B 27 -17.52 -19.64 -28.92
CA ASP B 27 -17.80 -20.96 -28.35
C ASP B 27 -16.56 -21.62 -27.77
N LYS B 28 -15.37 -21.12 -28.13
CA LYS B 28 -14.11 -21.71 -27.70
C LYS B 28 -13.48 -20.92 -26.57
N LEU B 29 -14.29 -20.28 -25.73
CA LEU B 29 -13.79 -19.46 -24.64
C LEU B 29 -14.49 -19.84 -23.34
N THR B 30 -13.95 -19.31 -22.24
CA THR B 30 -14.50 -19.48 -20.91
C THR B 30 -14.29 -18.19 -20.13
N LEU B 31 -15.20 -17.93 -19.19
CA LEU B 31 -15.13 -16.69 -18.41
C LEU B 31 -13.98 -16.72 -17.41
N GLY B 32 -14.01 -17.66 -16.48
CA GLY B 32 -12.95 -17.86 -15.51
C GLY B 32 -12.83 -16.73 -14.51
N LYS B 33 -11.56 -16.58 -13.94
CA LYS B 33 -11.17 -15.68 -12.86
C LYS B 33 -10.60 -14.39 -13.42
N PRO B 34 -10.73 -13.30 -12.67
CA PRO B 34 -10.21 -12.01 -13.15
C PRO B 34 -8.74 -11.86 -12.80
N LEU B 35 -7.97 -11.37 -13.78
CA LEU B 35 -6.53 -11.20 -13.60
C LEU B 35 -6.11 -9.77 -13.27
N GLY B 36 -6.84 -8.78 -13.76
CA GLY B 36 -6.48 -7.39 -13.54
C GLY B 36 -7.31 -6.74 -12.45
N GLU B 37 -6.77 -5.65 -11.91
CA GLU B 37 -7.44 -4.85 -10.88
C GLU B 37 -8.05 -3.57 -11.47
N GLY B 38 -8.42 -3.61 -12.74
CA GLY B 38 -9.04 -2.44 -13.34
C GLY B 38 -7.91 -1.64 -13.97
N CYS B 39 -8.08 -0.30 -14.06
CA CYS B 39 -7.12 0.73 -14.48
C CYS B 39 -6.80 0.56 -15.97
N PHE B 40 -6.48 -0.67 -16.39
CA PHE B 40 -6.29 -0.97 -17.79
C PHE B 40 -7.57 -1.41 -18.48
N GLY B 41 -8.52 -1.93 -17.71
CA GLY B 41 -9.76 -2.47 -18.23
C GLY B 41 -10.11 -3.77 -17.53
N GLN B 42 -11.38 -4.16 -17.65
CA GLN B 42 -11.85 -5.40 -17.07
C GLN B 42 -11.18 -6.58 -17.77
N VAL B 43 -10.29 -7.25 -17.06
CA VAL B 43 -9.52 -8.37 -17.63
C VAL B 43 -9.91 -9.64 -16.91
N VAL B 44 -10.03 -10.73 -17.66
CA VAL B 44 -10.33 -12.02 -17.05
C VAL B 44 -9.50 -13.11 -17.73
N MET B 45 -9.05 -14.09 -16.93
CA MET B 45 -8.35 -15.25 -17.46
C MET B 45 -9.39 -16.20 -18.08
N ALA B 46 -9.31 -16.39 -19.39
CA ALA B 46 -10.14 -17.33 -20.12
C ALA B 46 -9.29 -18.53 -20.55
N GLU B 47 -9.95 -19.60 -20.95
CA GLU B 47 -9.28 -20.81 -21.44
C GLU B 47 -9.76 -21.05 -22.87
N ALA B 48 -9.10 -20.41 -23.83
CA ALA B 48 -9.41 -20.65 -25.23
C ALA B 48 -9.03 -22.08 -25.61
N VAL B 49 -9.62 -22.55 -26.71
CA VAL B 49 -9.39 -23.91 -27.17
C VAL B 49 -9.24 -23.88 -28.68
N GLY B 50 -8.24 -24.61 -29.17
CA GLY B 50 -8.03 -24.70 -30.61
C GLY B 50 -7.80 -23.36 -31.27
N ILE B 51 -6.97 -22.52 -30.67
CA ILE B 51 -6.62 -21.23 -31.23
C ILE B 51 -5.18 -21.20 -31.75
N ASP B 52 -4.29 -21.99 -31.19
CA ASP B 52 -2.94 -22.09 -31.72
C ASP B 52 -2.96 -22.84 -33.04
N LYS B 53 -2.49 -22.18 -34.10
CA LYS B 53 -2.45 -22.82 -35.40
C LYS B 53 -1.50 -24.02 -35.45
N ASP B 54 -0.58 -24.14 -34.48
CA ASP B 54 0.34 -25.28 -34.43
C ASP B 54 -0.22 -26.43 -33.60
N LYS B 55 -1.09 -26.12 -32.65
CA LYS B 55 -1.81 -27.11 -31.84
C LYS B 55 -3.29 -26.78 -32.04
N PRO B 56 -3.87 -27.18 -33.18
CA PRO B 56 -5.24 -26.73 -33.52
C PRO B 56 -6.33 -27.29 -32.62
N LYS B 57 -5.98 -28.06 -31.59
CA LYS B 57 -6.98 -28.54 -30.64
C LYS B 57 -6.55 -28.42 -29.19
N GLU B 58 -5.28 -28.13 -28.90
CA GLU B 58 -4.83 -28.05 -27.52
C GLU B 58 -5.39 -26.79 -26.85
N ALA B 59 -5.88 -26.95 -25.63
CA ALA B 59 -6.40 -25.82 -24.88
C ALA B 59 -5.27 -24.89 -24.47
N VAL B 60 -5.54 -23.59 -24.46
CA VAL B 60 -4.57 -22.56 -24.12
C VAL B 60 -5.23 -21.56 -23.19
N THR B 61 -4.57 -21.24 -22.08
CA THR B 61 -5.07 -20.22 -21.17
C THR B 61 -4.63 -18.85 -21.66
N VAL B 62 -5.59 -17.96 -21.87
CA VAL B 62 -5.33 -16.61 -22.36
C VAL B 62 -6.06 -15.63 -21.44
N ALA B 63 -5.95 -14.35 -21.77
CA ALA B 63 -6.66 -13.29 -21.06
C ALA B 63 -7.50 -12.52 -22.06
N VAL B 64 -8.74 -12.23 -21.68
CA VAL B 64 -9.68 -11.54 -22.54
C VAL B 64 -10.13 -10.25 -21.85
N LYS B 65 -10.29 -9.20 -22.66
CA LYS B 65 -10.59 -7.85 -22.20
C LYS B 65 -11.99 -7.47 -22.69
N MET B 66 -12.97 -7.71 -21.83
CA MET B 66 -14.35 -7.35 -22.13
C MET B 66 -14.63 -5.92 -21.64
N LEU B 67 -15.82 -5.43 -21.99
CA LEU B 67 -16.26 -4.10 -21.60
C LEU B 67 -16.91 -4.14 -20.22
N LYS B 68 -16.96 -2.98 -19.57
CA LYS B 68 -17.48 -2.92 -18.22
C LYS B 68 -18.99 -3.18 -18.22
N ASP B 69 -19.47 -3.70 -17.09
CA ASP B 69 -20.89 -4.00 -16.95
C ASP B 69 -21.73 -2.73 -17.12
N ASP B 70 -21.30 -1.63 -16.51
CA ASP B 70 -21.99 -0.34 -16.62
C ASP B 70 -21.45 0.44 -17.82
N ALA B 71 -21.62 -0.15 -19.00
CA ALA B 71 -21.06 0.41 -20.21
C ALA B 71 -21.53 1.84 -20.44
N THR B 72 -20.62 2.68 -20.89
CA THR B 72 -20.88 4.08 -21.15
C THR B 72 -20.63 4.37 -22.64
N GLU B 73 -21.07 5.54 -23.07
CA GLU B 73 -20.90 5.92 -24.48
C GLU B 73 -19.43 5.97 -24.87
N LYS B 74 -18.57 6.50 -23.98
CA LYS B 74 -17.17 6.67 -24.32
C LYS B 74 -16.32 5.45 -24.02
N ASP B 75 -16.69 4.66 -23.01
CA ASP B 75 -15.87 3.51 -22.64
C ASP B 75 -15.78 2.50 -23.79
N LEU B 76 -16.90 2.26 -24.48
CA LEU B 76 -16.88 1.35 -25.61
C LEU B 76 -15.98 1.87 -26.72
N SER B 77 -16.03 3.19 -26.97
CA SER B 77 -15.16 3.79 -27.97
C SER B 77 -13.70 3.61 -27.59
N ASP B 78 -13.38 3.80 -26.30
CA ASP B 78 -12.01 3.60 -25.85
C ASP B 78 -11.58 2.15 -26.04
N LEU B 79 -12.48 1.19 -25.75
CA LEU B 79 -12.13 -0.21 -25.93
C LEU B 79 -11.83 -0.53 -27.39
N VAL B 80 -12.69 -0.05 -28.30
CA VAL B 80 -12.45 -0.28 -29.72
C VAL B 80 -11.14 0.37 -30.16
N SER B 81 -10.85 1.56 -29.63
CA SER B 81 -9.59 2.22 -29.93
C SER B 81 -8.41 1.36 -29.49
N GLU B 82 -8.52 0.74 -28.32
CA GLU B 82 -7.43 -0.11 -27.84
C GLU B 82 -7.22 -1.32 -28.76
N MET B 83 -8.30 -1.94 -29.21
CA MET B 83 -8.13 -3.09 -30.10
C MET B 83 -7.47 -2.69 -31.41
N GLU B 84 -7.97 -1.63 -32.05
CA GLU B 84 -7.34 -1.19 -33.29
C GLU B 84 -5.90 -0.74 -33.05
N MET B 85 -5.62 -0.16 -31.89
CA MET B 85 -4.25 0.16 -31.52
C MET B 85 -3.38 -1.09 -31.57
N MET B 86 -3.79 -2.15 -30.86
CA MET B 86 -3.01 -3.40 -30.87
C MET B 86 -2.80 -3.90 -32.29
N LYS B 87 -3.82 -3.78 -33.14
CA LYS B 87 -3.68 -4.19 -34.54
C LYS B 87 -2.61 -3.36 -35.23
N MET B 88 -2.56 -2.06 -34.95
CA MET B 88 -1.64 -1.17 -35.66
C MET B 88 -0.21 -1.29 -35.15
N ILE B 89 -0.04 -1.48 -33.84
CA ILE B 89 1.30 -1.45 -33.24
C ILE B 89 2.16 -2.56 -33.81
N GLY B 90 1.58 -3.74 -34.01
CA GLY B 90 2.31 -4.88 -34.50
C GLY B 90 2.68 -5.84 -33.39
N LYS B 91 3.50 -6.81 -33.76
CA LYS B 91 3.91 -7.88 -32.86
C LYS B 91 5.38 -7.73 -32.50
N HIS B 92 5.70 -7.89 -31.21
CA HIS B 92 7.06 -7.91 -30.71
C HIS B 92 7.14 -8.97 -29.62
N LYS B 93 8.31 -9.60 -29.52
CA LYS B 93 8.45 -10.70 -28.58
C LYS B 93 8.11 -10.27 -27.16
N ASN B 94 8.67 -9.14 -26.73
CA ASN B 94 8.54 -8.69 -25.34
C ASN B 94 7.35 -7.74 -25.17
N ILE B 95 6.19 -8.17 -25.64
CA ILE B 95 4.98 -7.35 -25.58
C ILE B 95 3.78 -8.26 -25.45
N ILE B 96 2.78 -7.78 -24.70
CA ILE B 96 1.48 -8.45 -24.61
C ILE B 96 0.78 -8.29 -25.95
N ASN B 97 0.79 -9.36 -26.75
CA ASN B 97 0.25 -9.29 -28.11
C ASN B 97 -1.10 -10.00 -28.18
N LEU B 98 -1.97 -9.48 -29.05
CA LEU B 98 -3.28 -10.08 -29.25
C LEU B 98 -3.17 -11.39 -30.01
N LEU B 99 -4.14 -12.28 -29.75
CA LEU B 99 -4.27 -13.54 -30.45
C LEU B 99 -5.64 -13.75 -31.07
N GLY B 100 -6.56 -12.83 -30.90
CA GLY B 100 -7.89 -12.97 -31.46
C GLY B 100 -8.84 -11.98 -30.81
N ALA B 101 -10.11 -12.08 -31.20
CA ALA B 101 -11.15 -11.26 -30.63
C ALA B 101 -12.50 -11.81 -31.08
N CYS B 102 -13.56 -11.30 -30.45
CA CYS B 102 -14.93 -11.69 -30.78
C CYS B 102 -15.74 -10.39 -30.80
N THR B 103 -15.82 -9.78 -31.98
CA THR B 103 -16.43 -8.46 -32.15
C THR B 103 -17.85 -8.53 -32.69
N GLN B 104 -18.04 -9.18 -33.84
CA GLN B 104 -19.34 -9.17 -34.50
C GLN B 104 -20.30 -10.15 -33.83
N ASP B 105 -21.55 -9.72 -33.69
CA ASP B 105 -22.66 -10.56 -33.24
C ASP B 105 -22.39 -11.12 -31.83
N GLY B 106 -22.39 -10.20 -30.87
CA GLY B 106 -22.27 -10.58 -29.48
C GLY B 106 -21.50 -9.57 -28.65
N PRO B 107 -21.33 -9.85 -27.36
CA PRO B 107 -20.54 -8.96 -26.50
C PRO B 107 -19.10 -8.86 -26.98
N LEU B 108 -18.46 -7.74 -26.67
CA LEU B 108 -17.12 -7.46 -27.19
C LEU B 108 -16.09 -8.21 -26.34
N TYR B 109 -15.33 -9.08 -26.98
CA TYR B 109 -14.24 -9.82 -26.34
C TYR B 109 -13.00 -9.68 -27.20
N VAL B 110 -11.87 -9.36 -26.56
CA VAL B 110 -10.58 -9.22 -27.25
C VAL B 110 -9.57 -10.12 -26.54
N ILE B 111 -8.97 -11.04 -27.30
CA ILE B 111 -8.10 -12.07 -26.75
C ILE B 111 -6.67 -11.56 -26.73
N VAL B 112 -6.10 -11.44 -25.53
CA VAL B 112 -4.72 -11.01 -25.36
C VAL B 112 -3.93 -12.15 -24.71
N GLU B 113 -2.62 -12.10 -24.90
CA GLU B 113 -1.73 -13.14 -24.39
C GLU B 113 -1.75 -13.17 -22.86
N TYR B 114 -1.37 -14.32 -22.32
CA TYR B 114 -1.43 -14.60 -20.88
C TYR B 114 -0.04 -14.92 -20.37
N ALA B 115 0.25 -14.45 -19.15
CA ALA B 115 1.53 -14.65 -18.49
C ALA B 115 1.34 -15.62 -17.33
N SER B 116 2.12 -16.70 -17.33
CA SER B 116 1.93 -17.74 -16.33
C SER B 116 2.27 -17.24 -14.93
N LYS B 117 3.46 -16.67 -14.75
CA LYS B 117 3.94 -16.26 -13.44
C LYS B 117 3.56 -14.83 -13.07
N GLY B 118 2.51 -14.28 -13.67
CA GLY B 118 2.04 -12.99 -13.22
C GLY B 118 3.01 -11.84 -13.46
N ASN B 119 2.78 -10.75 -12.71
CA ASN B 119 3.54 -9.52 -12.92
C ASN B 119 5.01 -9.73 -12.56
N LEU B 120 5.83 -8.78 -13.01
CA LEU B 120 7.26 -8.81 -12.73
C LEU B 120 7.55 -8.59 -11.25
N ARG B 121 6.90 -7.57 -10.65
CA ARG B 121 7.23 -7.20 -9.28
C ARG B 121 7.15 -8.40 -8.35
N GLU B 122 6.04 -9.11 -8.36
CA GLU B 122 5.91 -10.31 -7.53
C GLU B 122 6.86 -11.41 -7.99
N TYR B 123 7.08 -11.50 -9.31
CA TYR B 123 7.93 -12.53 -9.88
C TYR B 123 9.31 -12.50 -9.24
N LEU B 124 9.92 -11.31 -9.16
CA LEU B 124 11.21 -11.20 -8.48
C LEU B 124 11.06 -11.13 -6.97
N ARG B 125 9.95 -10.57 -6.48
CA ARG B 125 9.75 -10.47 -5.03
C ARG B 125 9.88 -11.83 -4.38
N ALA B 126 9.33 -12.87 -4.99
CA ALA B 126 9.46 -14.21 -4.42
C ALA B 126 10.73 -14.91 -4.87
N ARG B 127 11.26 -14.59 -6.05
CA ARG B 127 12.45 -15.26 -6.60
C ARG B 127 13.71 -14.53 -6.14
N ARG B 128 14.31 -15.02 -5.04
CA ARG B 128 15.55 -14.46 -4.49
C ARG B 128 15.93 -15.17 -3.19
N PRO B 129 17.21 -15.23 -2.84
CA PRO B 129 17.61 -15.91 -1.67
C PRO B 129 17.24 -15.12 -0.43
N PRO B 130 17.34 -15.74 0.81
CA PRO B 130 16.99 -15.06 2.05
C PRO B 130 17.07 -13.53 2.05
N VAL B 141 8.32 -18.05 -1.95
CA VAL B 141 9.71 -18.01 -2.42
C VAL B 141 10.02 -19.32 -3.16
N PRO B 142 10.11 -19.28 -4.48
CA PRO B 142 10.40 -20.49 -5.24
C PRO B 142 11.88 -20.85 -5.14
N GLU B 143 12.25 -21.98 -5.76
CA GLU B 143 13.56 -22.56 -5.54
C GLU B 143 14.64 -21.94 -6.43
N GLU B 144 14.27 -21.42 -7.60
CA GLU B 144 15.26 -20.87 -8.52
C GLU B 144 15.58 -19.45 -8.07
N GLN B 145 16.71 -19.29 -7.39
CA GLN B 145 17.12 -17.98 -6.92
C GLN B 145 17.51 -17.09 -8.10
N MET B 146 17.13 -15.80 -8.03
CA MET B 146 17.51 -14.86 -9.07
C MET B 146 19.02 -14.71 -9.12
N THR B 147 19.52 -14.42 -10.31
CA THR B 147 20.94 -14.24 -10.55
C THR B 147 21.16 -12.95 -11.33
N PHE B 148 22.35 -12.36 -11.17
CA PHE B 148 22.63 -11.09 -11.82
C PHE B 148 22.45 -11.18 -13.33
N LYS B 149 22.91 -12.29 -13.92
CA LYS B 149 22.74 -12.45 -15.37
C LYS B 149 21.27 -12.38 -15.74
N ASP B 150 20.41 -13.03 -14.96
CA ASP B 150 18.98 -12.99 -15.25
C ASP B 150 18.43 -11.59 -15.10
N LEU B 151 18.91 -10.82 -14.13
CA LEU B 151 18.43 -9.45 -13.95
C LEU B 151 18.84 -8.58 -15.14
N VAL B 152 20.09 -8.69 -15.57
CA VAL B 152 20.54 -7.92 -16.72
C VAL B 152 19.78 -8.34 -17.96
N SER B 153 19.53 -9.64 -18.11
CA SER B 153 18.75 -10.12 -19.25
C SER B 153 17.33 -9.56 -19.22
N CYS B 154 16.74 -9.49 -18.03
CA CYS B 154 15.40 -8.93 -17.90
C CYS B 154 15.40 -7.47 -18.32
N THR B 155 16.39 -6.70 -17.86
CA THR B 155 16.45 -5.29 -18.22
C THR B 155 16.67 -5.10 -19.72
N TYR B 156 17.55 -5.91 -20.32
CA TYR B 156 17.81 -5.82 -21.75
C TYR B 156 16.56 -6.18 -22.57
N GLN B 157 15.86 -7.24 -22.18
CA GLN B 157 14.65 -7.65 -22.88
C GLN B 157 13.57 -6.58 -22.75
N LEU B 158 13.41 -6.03 -21.56
CA LEU B 158 12.45 -4.94 -21.39
C LEU B 158 12.84 -3.74 -22.24
N ALA B 159 14.14 -3.44 -22.32
CA ALA B 159 14.58 -2.31 -23.14
C ALA B 159 14.26 -2.54 -24.60
N ARG B 160 14.42 -3.77 -25.08
CA ARG B 160 14.06 -4.07 -26.47
C ARG B 160 12.57 -3.81 -26.70
N GLY B 161 11.73 -4.32 -25.80
CA GLY B 161 10.29 -4.07 -25.93
C GLY B 161 9.96 -2.58 -25.93
N MET B 162 10.56 -1.84 -24.99
CA MET B 162 10.30 -0.41 -24.91
C MET B 162 10.76 0.30 -26.17
N GLU B 163 11.88 -0.13 -26.74
CA GLU B 163 12.35 0.44 -27.99
C GLU B 163 11.32 0.26 -29.09
N TYR B 164 10.80 -0.96 -29.24
CA TYR B 164 9.80 -1.19 -30.28
C TYR B 164 8.59 -0.28 -30.06
N LEU B 165 8.13 -0.14 -28.83
CA LEU B 165 6.94 0.69 -28.61
C LEU B 165 7.23 2.15 -28.87
N ALA B 166 8.44 2.61 -28.52
CA ALA B 166 8.84 3.97 -28.85
C ALA B 166 8.89 4.17 -30.36
N SER B 167 9.20 3.11 -31.13
CA SER B 167 9.14 3.21 -32.58
C SER B 167 7.77 3.71 -33.04
N GLN B 168 6.71 3.16 -32.46
CA GLN B 168 5.37 3.69 -32.66
C GLN B 168 5.14 4.85 -31.69
N LYS B 169 4.06 5.60 -31.94
CA LYS B 169 3.74 6.78 -31.14
C LYS B 169 2.93 6.40 -29.90
N CYS B 170 3.47 5.48 -29.12
CA CYS B 170 2.83 4.98 -27.91
C CYS B 170 3.31 5.74 -26.69
N ILE B 171 2.45 5.81 -25.67
CA ILE B 171 2.76 6.48 -24.42
C ILE B 171 2.58 5.48 -23.28
N HIS B 172 3.50 5.52 -22.32
CA HIS B 172 3.46 4.65 -21.14
C HIS B 172 3.11 5.54 -19.95
N ARG B 173 1.82 5.57 -19.60
CA ARG B 173 1.38 6.43 -18.51
C ARG B 173 1.85 5.89 -17.17
N ASP B 174 1.64 4.60 -16.91
CA ASP B 174 1.99 3.96 -15.66
C ASP B 174 2.94 2.81 -15.97
N LEU B 175 4.23 3.12 -16.08
CA LEU B 175 5.26 2.12 -16.30
C LEU B 175 5.81 1.68 -14.95
N ALA B 176 5.48 0.45 -14.55
CA ALA B 176 5.92 -0.08 -13.27
C ALA B 176 5.97 -1.60 -13.36
N ALA B 177 6.69 -2.20 -12.41
CA ALA B 177 6.82 -3.65 -12.40
C ALA B 177 5.47 -4.33 -12.21
N ARG B 178 4.48 -3.65 -11.63
CA ARG B 178 3.17 -4.24 -11.47
C ARG B 178 2.37 -4.27 -12.77
N ASN B 179 2.87 -3.65 -13.84
CA ASN B 179 2.17 -3.62 -15.12
C ASN B 179 3.03 -4.21 -16.24
N VAL B 180 4.01 -5.03 -15.89
CA VAL B 180 4.81 -5.79 -16.84
C VAL B 180 4.80 -7.23 -16.35
N LEU B 181 4.65 -8.16 -17.28
CA LEU B 181 4.38 -9.56 -16.98
C LEU B 181 5.52 -10.45 -17.46
N VAL B 182 5.49 -11.69 -17.00
CA VAL B 182 6.49 -12.70 -17.34
C VAL B 182 5.81 -14.04 -17.49
N THR B 183 6.08 -14.73 -18.60
CA THR B 183 5.50 -16.03 -18.89
C THR B 183 6.37 -17.12 -18.28
N GLU B 184 5.82 -18.33 -18.23
CA GLU B 184 6.56 -19.47 -17.70
C GLU B 184 7.85 -19.72 -18.47
N ASN B 185 7.88 -19.35 -19.74
CA ASN B 185 9.06 -19.53 -20.59
C ASN B 185 10.13 -18.48 -20.34
N ASN B 186 10.01 -17.69 -19.27
CA ASN B 186 10.93 -16.58 -18.99
C ASN B 186 10.94 -15.58 -20.14
N VAL B 187 9.74 -15.12 -20.51
CA VAL B 187 9.56 -14.13 -21.56
C VAL B 187 8.87 -12.93 -20.93
N MET B 188 9.52 -11.77 -21.00
CA MET B 188 9.01 -10.54 -20.41
C MET B 188 8.09 -9.85 -21.40
N LYS B 189 7.10 -9.13 -20.89
CA LYS B 189 6.15 -8.43 -21.75
C LYS B 189 5.63 -7.18 -21.06
N ILE B 190 5.45 -6.12 -21.84
CA ILE B 190 4.87 -4.89 -21.35
C ILE B 190 3.36 -4.97 -21.50
N ALA B 191 2.65 -4.15 -20.73
CA ALA B 191 1.20 -4.12 -20.79
C ALA B 191 0.69 -2.70 -20.52
N ASP B 192 1.24 -1.73 -21.23
CA ASP B 192 0.86 -0.33 -21.05
C ASP B 192 1.38 0.50 -22.22
N PHE B 193 0.52 0.79 -23.18
CA PHE B 193 0.92 1.63 -24.30
C PHE B 193 -0.30 2.24 -24.97
N GLY B 194 -0.27 3.55 -25.17
CA GLY B 194 -1.36 4.24 -25.84
C GLY B 194 -0.88 5.15 -26.95
N LEU B 195 -1.33 4.89 -28.17
CA LEU B 195 -1.06 5.81 -29.27
C LEU B 195 -1.47 7.22 -28.90
N ALA B 196 -0.80 8.19 -29.49
CA ALA B 196 -1.08 9.60 -29.21
C ALA B 196 -1.58 10.31 -30.47
N LYS B 207 -4.19 1.15 -5.31
CA LYS B 207 -4.25 0.90 -3.87
C LYS B 207 -3.09 1.58 -3.16
N THR B 208 -2.01 0.84 -2.97
CA THR B 208 -0.80 1.40 -2.36
C THR B 208 0.02 2.14 -3.40
N THR B 209 0.73 3.18 -2.93
CA THR B 209 1.50 4.05 -3.82
C THR B 209 0.61 4.66 -4.90
N ASN B 210 -0.69 4.71 -4.65
CA ASN B 210 -1.66 5.18 -5.62
C ASN B 210 -2.20 6.53 -5.14
N GLY B 211 -1.47 7.59 -5.49
CA GLY B 211 -1.98 8.92 -5.27
C GLY B 211 -2.78 9.38 -6.46
N ARG B 212 -3.61 8.47 -7.00
CA ARG B 212 -4.34 8.65 -8.25
C ARG B 212 -3.40 8.60 -9.45
N LEU B 213 -2.10 8.72 -9.22
CA LEU B 213 -1.10 8.67 -10.27
C LEU B 213 0.08 7.85 -9.77
N PRO B 214 0.85 7.23 -10.68
CA PRO B 214 2.11 6.56 -10.27
C PRO B 214 3.18 7.64 -10.04
N VAL B 215 3.08 8.31 -8.89
CA VAL B 215 3.92 9.49 -8.66
C VAL B 215 5.41 9.11 -8.70
N LYS B 216 5.76 7.97 -8.12
CA LYS B 216 7.17 7.59 -8.10
C LYS B 216 7.70 7.26 -9.49
N TRP B 217 6.84 6.80 -10.38
CA TRP B 217 7.26 6.36 -11.71
C TRP B 217 7.12 7.44 -12.77
N MET B 218 6.71 8.64 -12.41
CA MET B 218 6.42 9.72 -13.35
C MET B 218 7.57 10.73 -13.32
N ALA B 219 7.91 11.24 -14.51
CA ALA B 219 9.07 12.12 -14.64
C ALA B 219 8.76 13.51 -14.10
N PRO B 220 9.79 14.31 -13.86
CA PRO B 220 9.54 15.68 -13.35
C PRO B 220 8.68 16.52 -14.27
N GLU B 221 8.90 16.41 -15.58
CA GLU B 221 8.11 17.22 -16.51
C GLU B 221 6.62 16.93 -16.38
N ALA B 222 6.24 15.65 -16.26
CA ALA B 222 4.82 15.32 -16.22
C ALA B 222 4.22 15.63 -14.84
N LEU B 223 4.99 15.43 -13.77
CA LEU B 223 4.46 15.68 -12.43
C LEU B 223 4.63 17.12 -11.98
N PHE B 224 5.64 17.82 -12.48
CA PHE B 224 5.93 19.19 -12.04
C PHE B 224 5.69 20.23 -13.12
N ASP B 225 6.12 19.97 -14.35
CA ASP B 225 5.82 20.87 -15.47
C ASP B 225 4.49 20.52 -16.15
N ARG B 226 3.90 19.36 -15.85
CA ARG B 226 2.62 18.97 -16.42
C ARG B 226 2.72 18.78 -17.93
N VAL B 227 3.77 18.12 -18.37
CA VAL B 227 4.00 17.88 -19.79
C VAL B 227 4.59 16.48 -19.98
N TYR B 228 4.01 15.71 -20.88
CA TYR B 228 4.48 14.37 -21.20
C TYR B 228 5.37 14.41 -22.43
N THR B 229 6.36 13.50 -22.46
CA THR B 229 7.24 13.40 -23.61
C THR B 229 7.92 12.03 -23.57
N HIS B 230 8.49 11.64 -24.72
CA HIS B 230 9.23 10.38 -24.79
C HIS B 230 10.36 10.32 -23.76
N GLN B 231 10.99 11.46 -23.49
CA GLN B 231 12.03 11.53 -22.48
C GLN B 231 11.48 11.16 -21.10
N SER B 232 10.23 11.51 -20.82
CA SER B 232 9.60 11.05 -19.59
C SER B 232 9.44 9.53 -19.58
N ASP B 233 9.16 8.94 -20.74
CA ASP B 233 9.15 7.48 -20.82
C ASP B 233 10.50 6.90 -20.47
N VAL B 234 11.59 7.59 -20.86
CA VAL B 234 12.92 7.14 -20.45
C VAL B 234 13.07 7.22 -18.93
N TRP B 235 12.61 8.31 -18.30
CA TRP B 235 12.67 8.40 -16.85
C TRP B 235 11.93 7.25 -16.19
N SER B 236 10.72 6.97 -16.68
CA SER B 236 9.94 5.86 -16.12
C SER B 236 10.67 4.54 -16.31
N PHE B 237 11.33 4.36 -17.46
CA PHE B 237 12.11 3.16 -17.69
C PHE B 237 13.27 3.05 -16.71
N GLY B 238 13.88 4.19 -16.35
CA GLY B 238 14.92 4.16 -15.34
C GLY B 238 14.39 3.74 -13.98
N VAL B 239 13.24 4.28 -13.61
CA VAL B 239 12.63 3.88 -12.33
C VAL B 239 12.30 2.39 -12.34
N LEU B 240 11.78 1.91 -13.47
CA LEU B 240 11.50 0.48 -13.59
C LEU B 240 12.78 -0.32 -13.48
N MET B 241 13.88 0.18 -14.03
CA MET B 241 15.16 -0.49 -13.85
C MET B 241 15.54 -0.59 -12.39
N TRP B 242 15.35 0.51 -11.65
CA TRP B 242 15.59 0.48 -10.21
C TRP B 242 14.78 -0.64 -9.56
N GLU B 243 13.49 -0.73 -9.90
CA GLU B 243 12.68 -1.80 -9.34
C GLU B 243 13.18 -3.18 -9.76
N ILE B 244 13.72 -3.26 -10.98
CA ILE B 244 14.25 -4.53 -11.48
C ILE B 244 15.39 -5.01 -10.60
N PHE B 245 16.39 -4.16 -10.41
CA PHE B 245 17.61 -4.57 -9.72
C PHE B 245 17.42 -4.61 -8.21
N THR B 246 16.35 -4.04 -7.70
CA THR B 246 16.00 -4.13 -6.29
C THR B 246 15.08 -5.30 -5.99
N LEU B 247 14.69 -6.07 -7.01
CA LEU B 247 13.89 -7.29 -6.81
C LEU B 247 12.53 -6.95 -6.20
N GLY B 248 11.89 -5.93 -6.75
CA GLY B 248 10.54 -5.60 -6.36
C GLY B 248 10.46 -4.70 -5.14
N GLY B 249 11.25 -3.63 -5.16
CA GLY B 249 11.26 -2.66 -4.09
C GLY B 249 10.36 -1.47 -4.39
N SER B 250 9.93 -0.80 -3.33
CA SER B 250 9.11 0.41 -3.46
C SER B 250 10.00 1.59 -3.83
N PRO B 251 9.78 2.25 -4.96
CA PRO B 251 10.63 3.40 -5.32
C PRO B 251 10.58 4.47 -4.24
N TYR B 252 11.66 5.23 -4.12
CA TYR B 252 11.82 6.26 -3.11
C TYR B 252 11.46 5.71 -1.73
N PRO B 253 12.13 4.64 -1.29
CA PRO B 253 11.78 4.07 0.01
C PRO B 253 12.15 5.01 1.15
N GLY B 254 11.27 5.06 2.15
CA GLY B 254 11.47 5.92 3.29
C GLY B 254 11.12 7.36 3.07
N ILE B 255 10.60 7.71 1.89
CA ILE B 255 10.23 9.08 1.55
C ILE B 255 8.71 9.13 1.41
N PRO B 256 8.01 9.86 2.25
CA PRO B 256 6.56 10.06 2.03
C PRO B 256 6.35 10.93 0.81
N VAL B 257 5.24 10.69 0.12
CA VAL B 257 4.97 11.40 -1.13
C VAL B 257 4.95 12.91 -0.90
N GLU B 258 4.35 13.33 0.22
CA GLU B 258 4.19 14.76 0.52
C GLU B 258 5.55 15.47 0.56
N GLU B 259 6.55 14.85 1.21
CA GLU B 259 7.91 15.39 1.17
C GLU B 259 8.70 14.91 -0.05
N LEU B 260 8.20 13.87 -0.71
CA LEU B 260 8.83 13.38 -1.94
C LEU B 260 8.89 14.48 -2.98
N PHE B 261 7.77 15.17 -3.21
CA PHE B 261 7.79 16.24 -4.21
C PHE B 261 8.94 17.22 -3.96
N LYS B 262 9.00 17.74 -2.73
CA LYS B 262 10.02 18.73 -2.39
C LYS B 262 11.42 18.18 -2.61
N LEU B 263 11.67 16.94 -2.19
CA LEU B 263 13.01 16.39 -2.39
C LEU B 263 13.37 16.31 -3.86
N LEU B 264 12.41 15.90 -4.70
CA LEU B 264 12.69 15.86 -6.13
C LEU B 264 13.04 17.23 -6.66
N LYS B 265 12.32 18.27 -6.24
CA LYS B 265 12.69 19.62 -6.67
C LYS B 265 14.11 19.97 -6.26
N GLU B 266 14.60 19.39 -5.16
CA GLU B 266 15.96 19.63 -4.70
C GLU B 266 16.98 18.75 -5.42
N GLY B 267 16.55 18.00 -6.42
CA GLY B 267 17.48 17.19 -7.20
C GLY B 267 17.95 15.92 -6.54
N HIS B 268 17.08 15.25 -5.78
CA HIS B 268 17.43 14.02 -5.09
C HIS B 268 17.03 12.83 -5.94
N ARG B 269 18.02 12.13 -6.48
CA ARG B 269 17.81 10.88 -7.20
C ARG B 269 18.09 9.70 -6.26
N MET B 270 17.53 8.54 -6.62
CA MET B 270 17.67 7.39 -5.76
C MET B 270 19.13 6.93 -5.69
N ASP B 271 19.47 6.25 -4.59
CA ASP B 271 20.80 5.71 -4.44
C ASP B 271 20.99 4.51 -5.38
N LYS B 272 22.20 3.98 -5.41
CA LYS B 272 22.46 2.81 -6.24
C LYS B 272 21.88 1.57 -5.59
N PRO B 273 21.16 0.73 -6.34
CA PRO B 273 20.70 -0.54 -5.76
C PRO B 273 21.87 -1.38 -5.30
N ALA B 274 21.62 -2.22 -4.29
CA ALA B 274 22.65 -3.10 -3.77
C ALA B 274 23.29 -3.93 -4.88
N ASN B 275 22.45 -4.53 -5.75
CA ASN B 275 22.92 -5.39 -6.83
C ASN B 275 23.50 -4.62 -8.01
N CYS B 276 23.13 -3.36 -8.16
CA CYS B 276 23.55 -2.58 -9.33
C CYS B 276 25.05 -2.27 -9.27
N THR B 277 25.61 -2.06 -10.45
CA THR B 277 27.01 -1.71 -10.62
C THR B 277 27.15 -0.24 -11.02
N ASN B 278 28.39 0.24 -11.01
CA ASN B 278 28.64 1.66 -11.25
C ASN B 278 28.12 2.10 -12.61
N GLU B 279 28.45 1.35 -13.66
CA GLU B 279 28.02 1.75 -15.00
C GLU B 279 26.51 1.65 -15.15
N LEU B 280 25.92 0.57 -14.63
CA LEU B 280 24.47 0.43 -14.70
C LEU B 280 23.77 1.53 -13.90
N TYR B 281 24.32 1.86 -12.73
CA TYR B 281 23.74 2.94 -11.93
C TYR B 281 23.85 4.28 -12.65
N MET B 282 24.97 4.51 -13.34
CA MET B 282 25.09 5.74 -14.11
C MET B 282 24.08 5.76 -15.25
N MET B 283 23.82 4.60 -15.87
CA MET B 283 22.74 4.52 -16.85
C MET B 283 21.41 4.90 -16.22
N MET B 284 21.15 4.42 -15.00
CA MET B 284 19.94 4.79 -14.27
C MET B 284 19.84 6.29 -14.05
N ARG B 285 20.90 6.87 -13.48
CA ARG B 285 20.91 8.30 -13.20
C ARG B 285 20.76 9.11 -14.48
N ASP B 286 21.42 8.69 -15.56
CA ASP B 286 21.29 9.36 -16.85
C ASP B 286 19.85 9.29 -17.34
N CYS B 287 19.21 8.13 -17.22
CA CYS B 287 17.79 8.05 -17.52
C CYS B 287 16.98 9.01 -16.69
N TRP B 288 17.48 9.41 -15.52
CA TRP B 288 16.79 10.39 -14.69
C TRP B 288 17.32 11.82 -14.88
N HIS B 289 17.94 12.12 -16.02
CA HIS B 289 18.57 13.43 -16.19
C HIS B 289 17.56 14.56 -16.02
N ALA B 290 17.96 15.60 -15.28
CA ALA B 290 17.10 16.76 -15.10
C ALA B 290 16.74 17.38 -16.45
N VAL B 291 17.73 17.55 -17.32
CA VAL B 291 17.45 17.93 -18.70
C VAL B 291 16.92 16.70 -19.44
N PRO B 292 15.78 16.80 -20.11
CA PRO B 292 15.25 15.61 -20.79
C PRO B 292 15.97 15.33 -22.11
N SER B 293 16.40 16.39 -22.80
CA SER B 293 17.07 16.21 -24.08
C SER B 293 18.29 15.31 -23.95
N GLN B 294 19.05 15.45 -22.86
CA GLN B 294 20.27 14.69 -22.68
C GLN B 294 20.03 13.25 -22.28
N ARG B 295 18.83 12.92 -21.81
CA ARG B 295 18.52 11.55 -21.42
C ARG B 295 18.76 10.60 -22.60
N PRO B 296 19.21 9.38 -22.33
CA PRO B 296 19.53 8.45 -23.43
C PRO B 296 18.27 7.85 -24.05
N THR B 297 18.21 7.85 -25.37
CA THR B 297 17.09 7.23 -26.06
C THR B 297 17.14 5.71 -25.91
N PHE B 298 15.97 5.08 -26.05
CA PHE B 298 15.89 3.64 -25.85
C PHE B 298 16.80 2.87 -26.81
N LYS B 299 17.02 3.39 -28.03
CA LYS B 299 17.94 2.72 -28.95
C LYS B 299 19.39 2.76 -28.42
N GLN B 300 19.83 3.92 -27.93
CA GLN B 300 21.12 4.02 -27.24
C GLN B 300 21.22 2.98 -26.12
N LEU B 301 20.17 2.89 -25.31
CA LEU B 301 20.17 1.99 -24.17
C LEU B 301 20.23 0.54 -24.61
N VAL B 302 19.52 0.20 -25.69
CA VAL B 302 19.53 -1.18 -26.17
C VAL B 302 20.94 -1.58 -26.56
N GLU B 303 21.66 -0.71 -27.27
CA GLU B 303 23.04 -1.06 -27.60
C GLU B 303 23.86 -1.33 -26.34
N ASP B 304 23.82 -0.40 -25.37
CA ASP B 304 24.63 -0.60 -24.16
C ASP B 304 24.26 -1.90 -23.45
N LEU B 305 22.97 -2.21 -23.36
CA LEU B 305 22.52 -3.41 -22.67
C LEU B 305 23.01 -4.67 -23.36
N ASP B 306 22.89 -4.70 -24.70
CA ASP B 306 23.35 -5.87 -25.44
C ASP B 306 24.83 -6.11 -25.22
N ARG B 307 25.64 -5.05 -25.24
CA ARG B 307 27.07 -5.24 -25.02
C ARG B 307 27.35 -5.72 -23.60
N ILE B 308 26.67 -5.16 -22.61
CA ILE B 308 26.99 -5.49 -21.23
C ILE B 308 26.57 -6.93 -20.91
N LEU B 309 25.41 -7.37 -21.40
CA LEU B 309 24.95 -8.71 -21.09
C LEU B 309 25.97 -9.76 -21.56
N THR B 310 26.65 -9.49 -22.67
CA THR B 310 27.59 -10.43 -23.24
C THR B 310 28.88 -10.55 -22.44
N LEU B 311 29.07 -9.72 -21.41
CA LEU B 311 30.36 -9.68 -20.73
C LEU B 311 30.60 -10.90 -19.86
N THR B 312 29.57 -11.34 -19.12
CA THR B 312 29.76 -12.47 -18.22
C THR B 312 30.10 -13.74 -19.00
N THR B 313 29.49 -13.92 -20.16
CA THR B 313 29.78 -15.06 -21.02
C THR B 313 30.43 -14.60 -22.33
#